data_6AB2
#
_entry.id   6AB2
#
_cell.length_a   101.419
_cell.length_b   43.887
_cell.length_c   72.386
_cell.angle_alpha   90.00
_cell.angle_beta   119.45
_cell.angle_gamma   90.00
#
_symmetry.space_group_name_H-M   'C 1 2 1'
#
loop_
_entity.id
_entity.type
_entity.pdbx_description
1 polymer 'Pyrrolysine--tRNA ligase'
2 non-polymer 'MAGNESIUM ION'
3 non-polymer "ADENOSINE-5'-TRIPHOSPHATE"
4 non-polymer '(2S)-2-azanyl-6-[(2-chlorophenyl)methoxycarbonylamino]hexanoic acid'
5 non-polymer 'POTASSIUM ION'
6 non-polymer 1,2-ETHANEDIOL
7 water water
#
_entity_poly.entity_id   1
_entity_poly.type   'polypeptide(L)'
_entity_poly.pdbx_seq_one_letter_code
;GSHMASAPALTKSQTDRLEVLLNPKDEISLNSGKPFRELESELLSRRKKDLQQIYAEERENYLGKLEREITRFFVDRGFL
EIKSPILIPLEYIERMGIDNDTELSKQIFRVDKNFCLRPMLAPNLANYLRKLDRALPDPIKIFEIGPCYRKESDGKEHLE
EFTMLNFCQMGSGCTRENLESIITDFLNHLGIDFKIVGDSCMVFGDTLDVMHGDLELSSAVVGPIPLDREWGIDKPWIGA
GFGLERLLKVKHDFKNIKRAARSGSYYNGISTNL
;
_entity_poly.pdbx_strand_id   A
#
# COMPACT_ATOMS: atom_id res chain seq x y z
N PRO A 8 37.82 8.44 -11.50
CA PRO A 8 36.50 7.82 -11.64
C PRO A 8 35.82 7.59 -10.29
N ALA A 9 36.23 8.32 -9.25
CA ALA A 9 35.68 8.14 -7.92
C ALA A 9 34.59 9.17 -7.67
N LEU A 10 33.38 8.69 -7.43
CA LEU A 10 32.25 9.56 -7.19
C LEU A 10 32.03 9.76 -5.69
N THR A 11 31.68 10.98 -5.31
CA THR A 11 31.33 11.25 -3.93
C THR A 11 29.96 10.62 -3.59
N LYS A 12 29.70 10.53 -2.28
CA LYS A 12 28.38 10.10 -1.83
C LYS A 12 27.27 10.99 -2.39
N SER A 13 27.48 12.30 -2.40
CA SER A 13 26.46 13.20 -2.95
CA SER A 13 26.45 13.19 -2.95
C SER A 13 26.22 12.93 -4.43
N GLN A 14 27.29 12.68 -5.19
CA GLN A 14 27.14 12.39 -6.62
C GLN A 14 26.41 11.09 -6.85
N THR A 15 26.79 10.03 -6.12
CA THR A 15 26.10 8.74 -6.23
CA THR A 15 26.08 8.77 -6.31
C THR A 15 24.63 8.87 -5.86
N ASP A 16 24.33 9.62 -4.80
CA ASP A 16 22.93 9.82 -4.42
C ASP A 16 22.14 10.50 -5.54
N ARG A 17 22.74 11.51 -6.17
CA ARG A 17 22.06 12.19 -7.27
C ARG A 17 21.81 11.25 -8.44
N LEU A 18 22.79 10.42 -8.77
CA LEU A 18 22.61 9.44 -9.84
C LEU A 18 21.56 8.39 -9.49
N GLU A 19 21.52 7.94 -8.23
CA GLU A 19 20.53 6.96 -7.81
C GLU A 19 19.12 7.53 -7.91
N VAL A 20 18.96 8.82 -7.57
CA VAL A 20 17.67 9.48 -7.75
C VAL A 20 17.21 9.41 -9.20
N LEU A 21 18.14 9.63 -10.15
CA LEU A 21 17.82 9.68 -11.58
C LEU A 21 17.79 8.32 -12.23
N LEU A 22 18.29 7.28 -11.58
CA LEU A 22 18.31 5.95 -12.14
C LEU A 22 16.95 5.30 -11.97
N ASN A 23 16.53 4.56 -12.98
CA ASN A 23 15.29 3.81 -12.92
C ASN A 23 15.55 2.33 -13.16
N PRO A 24 14.68 1.45 -12.65
CA PRO A 24 14.95 0.01 -12.75
C PRO A 24 15.21 -0.51 -14.15
N LYS A 25 14.58 0.07 -15.18
CA LYS A 25 14.77 -0.43 -16.54
C LYS A 25 16.12 -0.06 -17.12
N ASP A 26 16.80 0.93 -16.55
CA ASP A 26 18.09 1.34 -17.08
C ASP A 26 19.08 0.20 -16.93
N GLU A 27 19.85 -0.06 -17.99
CA GLU A 27 21.02 -0.91 -17.87
C GLU A 27 22.26 -0.02 -17.86
N ILE A 28 22.33 0.75 -16.79
CA ILE A 28 23.42 1.68 -16.52
C ILE A 28 23.98 1.38 -15.13
N SER A 29 25.27 1.16 -15.05
CA SER A 29 25.95 1.02 -13.77
C SER A 29 26.59 2.35 -13.41
N LEU A 30 26.33 2.83 -12.20
CA LEU A 30 27.02 4.02 -11.74
C LEU A 30 28.52 3.77 -11.57
N ASN A 31 28.91 2.51 -11.40
CA ASN A 31 30.31 2.12 -11.28
C ASN A 31 30.96 1.76 -12.61
N SER A 32 30.31 2.11 -13.73
CA SER A 32 30.81 1.76 -15.06
C SER A 32 32.21 2.30 -15.31
N GLY A 33 32.57 3.38 -14.64
CA GLY A 33 33.79 4.11 -14.94
C GLY A 33 33.57 5.42 -15.66
N LYS A 34 32.35 5.70 -16.12
CA LYS A 34 32.08 6.98 -16.74
C LYS A 34 32.08 8.07 -15.66
N PRO A 35 32.46 9.31 -16.01
CA PRO A 35 32.45 10.40 -15.02
C PRO A 35 31.02 10.82 -14.71
N PHE A 36 30.87 11.41 -13.51
CA PHE A 36 29.57 11.88 -13.04
C PHE A 36 28.85 12.72 -14.09
N ARG A 37 29.55 13.67 -14.72
CA ARG A 37 28.89 14.59 -15.63
C ARG A 37 28.19 13.85 -16.77
N GLU A 38 28.80 12.77 -17.27
CA GLU A 38 28.21 12.03 -18.38
C GLU A 38 27.08 11.12 -17.91
N LEU A 39 27.23 10.48 -16.75
CA LEU A 39 26.14 9.69 -16.19
C LEU A 39 24.93 10.56 -15.87
N GLU A 40 25.17 11.73 -15.28
CA GLU A 40 24.07 12.62 -14.94
C GLU A 40 23.36 13.10 -16.19
N SER A 41 24.12 13.53 -17.21
CA SER A 41 23.53 14.01 -18.45
CA SER A 41 23.51 14.02 -18.44
CA SER A 41 23.50 14.02 -18.42
C SER A 41 22.69 12.95 -19.13
N GLU A 42 23.22 11.72 -19.19
CA GLU A 42 22.48 10.62 -19.80
C GLU A 42 21.19 10.34 -19.07
N LEU A 43 21.26 10.25 -17.73
CA LEU A 43 20.06 9.91 -16.96
C LEU A 43 19.04 11.04 -17.01
N LEU A 44 19.49 12.30 -16.94
CA LEU A 44 18.58 13.42 -17.07
C LEU A 44 17.83 13.36 -18.38
N SER A 45 18.53 13.04 -19.48
CA SER A 45 17.87 12.97 -20.77
CA SER A 45 17.86 12.96 -20.76
CA SER A 45 17.89 12.94 -20.79
C SER A 45 16.85 11.84 -20.80
N ARG A 46 17.18 10.68 -20.23
CA ARG A 46 16.23 9.57 -20.21
C ARG A 46 15.00 9.93 -19.40
N ARG A 47 15.18 10.56 -18.23
CA ARG A 47 14.04 10.85 -17.37
C ARG A 47 13.14 11.92 -17.96
N LYS A 48 13.71 12.95 -18.60
CA LYS A 48 12.90 13.92 -19.31
C LYS A 48 12.09 13.26 -20.41
N LYS A 49 12.73 12.39 -21.19
N LYS A 49 12.71 12.37 -21.18
CA LYS A 49 12.02 11.63 -22.23
CA LYS A 49 11.97 11.68 -22.23
C LYS A 49 10.88 10.82 -21.61
C LYS A 49 10.90 10.75 -21.66
N ASP A 50 11.14 10.18 -20.47
CA ASP A 50 10.12 9.35 -19.82
C ASP A 50 8.92 10.21 -19.41
N LEU A 51 9.17 11.35 -18.78
CA LEU A 51 8.08 12.23 -18.36
C LEU A 51 7.34 12.80 -19.55
N GLN A 52 8.07 13.17 -20.61
CA GLN A 52 7.42 13.69 -21.81
C GLN A 52 6.49 12.66 -22.42
N GLN A 53 6.90 11.38 -22.41
CA GLN A 53 6.06 10.32 -22.95
C GLN A 53 4.81 10.13 -22.11
N ILE A 54 4.95 10.15 -20.79
CA ILE A 54 3.78 10.07 -19.91
C ILE A 54 2.82 11.23 -20.21
N TYR A 55 3.37 12.44 -20.34
CA TYR A 55 2.54 13.62 -20.54
C TYR A 55 1.83 13.56 -21.88
N ALA A 56 2.52 13.02 -22.90
CA ALA A 56 1.95 12.97 -24.25
C ALA A 56 0.88 11.89 -24.36
N GLU A 57 1.02 10.79 -23.62
CA GLU A 57 0.16 9.63 -23.83
C GLU A 57 -0.77 9.46 -22.66
N GLU A 58 -0.39 8.77 -21.57
CA GLU A 58 -1.40 8.26 -20.64
C GLU A 58 -1.85 9.29 -19.59
N ARG A 59 -0.92 10.02 -18.99
CA ARG A 59 -1.20 11.10 -18.03
C ARG A 59 -1.76 10.64 -16.69
N GLU A 60 -1.79 9.34 -16.41
CA GLU A 60 -2.39 8.83 -15.19
C GLU A 60 -1.31 8.56 -14.15
N ASN A 61 -1.63 8.90 -12.92
CA ASN A 61 -0.76 8.69 -11.79
C ASN A 61 -0.80 7.23 -11.38
N TYR A 62 0.36 6.65 -11.06
CA TYR A 62 0.40 5.22 -10.71
C TYR A 62 -0.51 4.88 -9.54
N LEU A 63 -0.49 5.68 -8.48
CA LEU A 63 -1.31 5.37 -7.31
C LEU A 63 -2.80 5.52 -7.64
N GLY A 64 -3.15 6.57 -8.36
CA GLY A 64 -4.54 6.74 -8.75
C GLY A 64 -5.02 5.64 -9.68
N LYS A 65 -4.20 5.30 -10.67
CA LYS A 65 -4.57 4.25 -11.62
C LYS A 65 -4.71 2.89 -10.93
N LEU A 66 -3.81 2.58 -10.01
CA LEU A 66 -3.90 1.30 -9.30
C LEU A 66 -5.14 1.28 -8.41
N GLU A 67 -5.42 2.39 -7.72
CA GLU A 67 -6.66 2.45 -6.96
C GLU A 67 -7.87 2.19 -7.85
N ARG A 68 -7.91 2.78 -9.05
CA ARG A 68 -9.07 2.57 -9.92
C ARG A 68 -9.17 1.12 -10.38
N GLU A 69 -8.04 0.49 -10.70
CA GLU A 69 -8.03 -0.90 -11.14
C GLU A 69 -8.49 -1.83 -10.02
N ILE A 70 -8.01 -1.58 -8.80
CA ILE A 70 -8.45 -2.38 -7.66
C ILE A 70 -9.93 -2.18 -7.39
N THR A 71 -10.38 -0.93 -7.46
CA THR A 71 -11.79 -0.63 -7.23
C THR A 71 -12.66 -1.40 -8.20
N ARG A 72 -12.30 -1.41 -9.47
CA ARG A 72 -13.10 -2.16 -10.43
C ARG A 72 -13.14 -3.64 -10.07
N PHE A 73 -11.98 -4.20 -9.70
CA PHE A 73 -11.90 -5.62 -9.37
C PHE A 73 -12.88 -5.97 -8.25
N PHE A 74 -12.89 -5.19 -7.17
CA PHE A 74 -13.74 -5.53 -6.04
C PHE A 74 -15.21 -5.21 -6.28
N VAL A 75 -15.51 -4.07 -6.92
CA VAL A 75 -16.89 -3.77 -7.29
C VAL A 75 -17.47 -4.88 -8.14
N ASP A 76 -16.71 -5.37 -9.13
CA ASP A 76 -17.20 -6.40 -10.03
C ASP A 76 -17.42 -7.72 -9.33
N ARG A 77 -16.76 -7.96 -8.20
CA ARG A 77 -16.93 -9.17 -7.42
CA ARG A 77 -16.95 -9.18 -7.44
C ARG A 77 -17.93 -9.02 -6.27
N GLY A 78 -18.72 -7.94 -6.28
CA GLY A 78 -19.79 -7.81 -5.31
C GLY A 78 -19.46 -7.08 -4.02
N PHE A 79 -18.34 -6.38 -3.95
CA PHE A 79 -17.99 -5.62 -2.76
C PHE A 79 -18.41 -4.17 -2.92
N LEU A 80 -19.01 -3.61 -1.86
CA LEU A 80 -19.41 -2.22 -1.85
C LEU A 80 -18.22 -1.30 -1.58
N GLU A 81 -18.05 -0.26 -2.41
CA GLU A 81 -16.95 0.70 -2.27
C GLU A 81 -17.22 1.69 -1.15
N ILE A 82 -16.34 1.74 -0.17
CA ILE A 82 -16.46 2.64 0.98
C ILE A 82 -15.44 3.77 0.86
N LYS A 83 -15.84 4.97 1.26
CA LYS A 83 -14.91 6.09 1.48
C LYS A 83 -15.26 6.68 2.83
N SER A 84 -14.40 6.42 3.83
CA SER A 84 -14.68 6.78 5.21
C SER A 84 -13.68 7.82 5.69
N PRO A 85 -13.84 8.41 6.87
CA PRO A 85 -12.94 9.49 7.27
C PRO A 85 -11.50 9.04 7.42
N ILE A 86 -10.58 9.93 7.04
CA ILE A 86 -9.17 9.73 7.33
C ILE A 86 -8.81 10.25 8.71
N LEU A 87 -9.43 11.36 9.09
CA LEU A 87 -9.28 11.95 10.41
C LEU A 87 -10.33 11.31 11.30
N ILE A 88 -9.89 10.55 12.30
CA ILE A 88 -10.80 9.72 13.10
C ILE A 88 -10.64 10.03 14.58
N PRO A 89 -11.61 9.63 15.41
CA PRO A 89 -11.46 9.79 16.85
C PRO A 89 -10.29 8.99 17.38
N LEU A 90 -9.51 9.63 18.27
CA LEU A 90 -8.44 8.94 18.96
C LEU A 90 -8.98 7.75 19.75
N GLU A 91 -10.25 7.82 20.16
CA GLU A 91 -10.88 6.73 20.90
C GLU A 91 -10.91 5.43 20.09
N TYR A 92 -10.96 5.52 18.76
CA TYR A 92 -10.92 4.29 17.95
C TYR A 92 -9.64 3.51 18.20
N ILE A 93 -8.55 4.20 18.53
CA ILE A 93 -7.27 3.54 18.75
C ILE A 93 -7.33 2.63 19.97
N GLU A 94 -7.68 3.21 21.13
CA GLU A 94 -7.83 2.42 22.34
C GLU A 94 -8.79 1.24 22.12
N ARG A 95 -9.88 1.47 21.38
CA ARG A 95 -10.90 0.44 21.22
C ARG A 95 -10.53 -0.63 20.19
N MET A 96 -9.57 -0.36 19.31
CA MET A 96 -8.97 -1.46 18.55
C MET A 96 -8.06 -2.33 19.39
N GLY A 97 -8.05 -2.08 20.71
CA GLY A 97 -7.17 -2.78 21.60
C GLY A 97 -5.73 -2.32 21.56
N ILE A 98 -5.45 -1.20 20.89
CA ILE A 98 -4.10 -0.66 20.81
C ILE A 98 -3.80 0.05 22.13
N ASP A 99 -3.05 -0.61 23.00
CA ASP A 99 -2.71 -0.04 24.30
C ASP A 99 -1.74 1.13 24.12
N ASN A 100 -1.84 2.10 25.03
CA ASN A 100 -1.01 3.31 24.98
C ASN A 100 0.49 3.00 24.97
N LEU A 104 2.60 0.37 18.33
CA LEU A 104 1.65 0.87 17.33
C LEU A 104 1.00 2.17 17.80
N SER A 105 0.66 2.24 19.09
CA SER A 105 0.10 3.49 19.60
C SER A 105 1.09 4.64 19.49
N LYS A 106 2.38 4.36 19.63
CA LYS A 106 3.39 5.40 19.48
C LYS A 106 3.57 5.82 18.03
N GLN A 107 3.06 5.05 17.09
CA GLN A 107 3.16 5.40 15.67
C GLN A 107 2.03 6.29 15.20
N ILE A 108 1.12 6.67 16.07
CA ILE A 108 -0.08 7.41 15.67
C ILE A 108 0.25 8.89 15.53
N PHE A 109 -0.14 9.48 14.40
CA PHE A 109 -0.09 10.94 14.25
C PHE A 109 -1.33 11.54 14.92
N ARG A 110 -1.11 12.34 15.95
CA ARG A 110 -2.21 12.92 16.67
C ARG A 110 -2.59 14.28 16.08
N VAL A 111 -3.90 14.57 16.11
CA VAL A 111 -4.44 15.82 15.61
C VAL A 111 -5.29 16.45 16.70
N ASP A 112 -4.92 17.64 17.13
CA ASP A 112 -5.59 18.32 18.25
C ASP A 112 -5.47 17.41 19.47
N LYS A 113 -6.50 17.29 20.29
CA LYS A 113 -6.43 16.48 21.50
C LYS A 113 -7.14 15.16 21.39
N ASN A 114 -8.18 15.06 20.54
CA ASN A 114 -9.06 13.90 20.54
C ASN A 114 -9.15 13.21 19.19
N PHE A 115 -8.27 13.55 18.24
CA PHE A 115 -8.33 12.98 16.91
C PHE A 115 -6.96 12.48 16.48
N CYS A 116 -6.94 11.72 15.40
CA CYS A 116 -5.69 11.22 14.87
C CYS A 116 -5.91 10.90 13.40
N LEU A 117 -4.80 10.75 12.69
CA LEU A 117 -4.86 10.21 11.34
C LEU A 117 -4.97 8.69 11.44
N ARG A 118 -5.91 8.12 10.71
CA ARG A 118 -6.10 6.68 10.83
C ARG A 118 -4.84 5.91 10.45
N PRO A 119 -4.41 4.93 11.27
CA PRO A 119 -3.24 4.12 10.90
C PRO A 119 -3.65 2.89 10.11
N MET A 120 -4.95 2.64 9.97
CA MET A 120 -5.47 1.46 9.29
C MET A 120 -6.93 1.74 8.99
N LEU A 121 -7.50 0.91 8.11
CA LEU A 121 -8.90 1.06 7.70
C LEU A 121 -9.86 0.24 8.56
N ALA A 122 -9.35 -0.70 9.34
CA ALA A 122 -10.20 -1.64 10.06
C ALA A 122 -11.31 -1.00 10.89
N PRO A 123 -11.08 0.02 11.72
CA PRO A 123 -12.19 0.49 12.59
C PRO A 123 -13.38 0.99 11.80
N ASN A 124 -13.15 1.83 10.79
CA ASN A 124 -14.24 2.35 9.99
C ASN A 124 -14.96 1.21 9.27
N LEU A 125 -14.22 0.20 8.82
CA LEU A 125 -14.85 -0.89 8.10
C LEU A 125 -15.66 -1.77 9.04
N ALA A 126 -15.18 -1.94 10.27
CA ALA A 126 -15.97 -2.66 11.25
C ALA A 126 -17.28 -1.95 11.51
N ASN A 127 -17.24 -0.61 11.60
CA ASN A 127 -18.49 0.14 11.78
C ASN A 127 -19.44 -0.07 10.61
N TYR A 128 -18.91 -0.08 9.39
CA TYR A 128 -19.77 -0.29 8.24
C TYR A 128 -20.31 -1.70 8.19
N LEU A 129 -19.51 -2.72 8.53
CA LEU A 129 -20.04 -4.08 8.56
C LEU A 129 -21.23 -4.17 9.50
N ARG A 130 -21.07 -3.63 10.71
CA ARG A 130 -22.14 -3.68 11.71
C ARG A 130 -23.38 -2.98 11.19
N LYS A 131 -23.23 -1.77 10.65
CA LYS A 131 -24.40 -1.00 10.24
C LYS A 131 -25.07 -1.62 9.02
N LEU A 132 -24.27 -2.06 8.05
CA LEU A 132 -24.85 -2.59 6.82
C LEU A 132 -25.52 -3.93 7.05
N ASP A 133 -25.10 -4.68 8.08
CA ASP A 133 -25.74 -5.96 8.36
C ASP A 133 -27.20 -5.81 8.75
N ARG A 134 -27.63 -4.61 9.13
CA ARG A 134 -29.04 -4.35 9.44
C ARG A 134 -29.87 -4.10 8.19
N ALA A 135 -29.25 -3.96 7.02
CA ALA A 135 -29.95 -3.52 5.82
C ALA A 135 -29.70 -4.42 4.61
N LEU A 136 -28.56 -5.05 4.53
CA LEU A 136 -28.15 -5.75 3.31
C LEU A 136 -28.23 -7.27 3.49
N PRO A 137 -28.43 -8.01 2.40
CA PRO A 137 -28.50 -9.48 2.51
C PRO A 137 -27.12 -10.08 2.76
N ASP A 138 -27.13 -11.24 3.41
CA ASP A 138 -25.89 -11.98 3.65
C ASP A 138 -25.34 -12.55 2.34
N PRO A 139 -24.01 -12.49 2.12
CA PRO A 139 -23.02 -11.90 3.02
C PRO A 139 -22.77 -10.41 2.74
N ILE A 140 -22.25 -9.71 3.75
CA ILE A 140 -21.86 -8.30 3.61
C ILE A 140 -20.43 -8.26 3.09
N LYS A 141 -20.21 -7.59 1.96
CA LYS A 141 -18.90 -7.53 1.32
C LYS A 141 -18.59 -6.07 1.02
N ILE A 142 -17.51 -5.55 1.60
CA ILE A 142 -17.16 -4.14 1.45
C ILE A 142 -15.65 -4.00 1.29
N PHE A 143 -15.23 -2.85 0.77
CA PHE A 143 -13.80 -2.57 0.72
C PHE A 143 -13.58 -1.06 0.74
N GLU A 144 -12.37 -0.66 1.14
CA GLU A 144 -11.97 0.74 1.03
C GLU A 144 -10.52 0.79 0.57
N ILE A 145 -10.20 1.82 -0.21
CA ILE A 145 -8.82 2.18 -0.53
C ILE A 145 -8.63 3.62 -0.12
N GLY A 146 -7.55 3.89 0.61
CA GLY A 146 -7.24 5.27 0.89
C GLY A 146 -6.04 5.45 1.80
N PRO A 147 -5.69 6.71 2.06
CA PRO A 147 -4.48 7.01 2.84
C PRO A 147 -4.60 6.55 4.28
N CYS A 148 -3.48 6.04 4.81
CA CYS A 148 -3.28 5.71 6.22
C CYS A 148 -1.90 6.22 6.64
N TYR A 149 -1.69 6.36 7.95
CA TYR A 149 -0.56 7.11 8.47
C TYR A 149 0.05 6.39 9.67
N ARG A 150 1.37 6.21 9.67
CA ARG A 150 2.09 5.67 10.81
C ARG A 150 3.46 6.31 10.84
N LYS A 151 3.94 6.62 12.05
CA LYS A 151 5.31 7.09 12.20
C LYS A 151 6.24 5.87 12.13
N GLU A 152 7.12 5.83 11.12
CA GLU A 152 7.99 4.67 10.99
C GLU A 152 9.48 5.08 10.91
N SER A 153 10.32 4.06 10.71
CA SER A 153 11.75 4.17 10.98
C SER A 153 12.50 5.06 9.99
N ASP A 154 12.39 4.82 8.67
CA ASP A 154 11.52 3.88 7.97
C ASP A 154 12.30 2.82 7.24
N GLY A 155 12.96 3.26 6.17
CA GLY A 155 13.69 2.40 5.27
C GLY A 155 12.98 2.24 3.94
N LYS A 156 13.34 1.15 3.25
CA LYS A 156 12.96 0.87 1.87
C LYS A 156 11.56 0.32 1.71
N GLU A 157 10.86 0.01 2.80
CA GLU A 157 9.55 -0.64 2.70
C GLU A 157 8.44 0.01 3.52
N HIS A 158 8.76 1.05 4.29
CA HIS A 158 7.79 1.73 5.11
C HIS A 158 7.71 3.19 4.70
N LEU A 159 6.48 3.69 4.64
CA LEU A 159 6.20 5.10 4.46
C LEU A 159 5.39 5.61 5.65
N GLU A 160 5.50 6.89 5.94
CA GLU A 160 4.64 7.47 6.96
C GLU A 160 3.24 7.75 6.45
N GLU A 161 3.11 8.05 5.15
CA GLU A 161 1.83 8.26 4.49
C GLU A 161 1.77 7.23 3.38
N PHE A 162 0.88 6.25 3.52
CA PHE A 162 0.76 5.18 2.54
C PHE A 162 -0.71 5.00 2.21
N THR A 163 -1.00 4.07 1.32
CA THR A 163 -2.34 3.86 0.78
C THR A 163 -2.68 2.41 1.01
N MET A 164 -3.76 2.14 1.74
N MET A 164 -3.79 2.17 1.70
CA MET A 164 -4.12 0.76 2.05
CA MET A 164 -4.24 0.84 2.07
C MET A 164 -5.44 0.39 1.40
C MET A 164 -5.44 0.46 1.20
N LEU A 165 -5.48 -0.79 0.80
CA LEU A 165 -6.71 -1.48 0.42
C LEU A 165 -7.06 -2.41 1.56
N ASN A 166 -8.31 -2.39 2.00
CA ASN A 166 -8.81 -3.39 2.95
C ASN A 166 -10.14 -3.85 2.40
N PHE A 167 -10.25 -5.14 2.12
CA PHE A 167 -11.55 -5.73 1.80
C PHE A 167 -11.95 -6.65 2.93
N CYS A 168 -13.24 -6.86 3.10
CA CYS A 168 -13.70 -7.74 4.15
C CYS A 168 -15.10 -8.22 3.82
N GLN A 169 -15.48 -9.30 4.48
CA GLN A 169 -16.76 -9.96 4.28
C GLN A 169 -17.22 -10.44 5.63
N MET A 170 -18.53 -10.38 5.87
CA MET A 170 -19.11 -10.85 7.12
C MET A 170 -20.35 -11.65 6.82
N GLY A 171 -20.48 -12.80 7.48
CA GLY A 171 -21.64 -13.66 7.33
C GLY A 171 -21.22 -15.00 6.80
N SER A 172 -21.95 -15.49 5.80
CA SER A 172 -21.59 -16.75 5.18
C SER A 172 -20.32 -16.58 4.33
N GLY A 173 -19.68 -17.71 4.03
CA GLY A 173 -18.51 -17.72 3.18
C GLY A 173 -17.25 -17.17 3.82
N CYS A 174 -17.23 -16.99 5.13
CA CYS A 174 -16.09 -16.36 5.79
C CYS A 174 -15.15 -17.40 6.35
N THR A 175 -14.47 -18.09 5.44
CA THR A 175 -13.60 -19.20 5.74
C THR A 175 -12.19 -18.88 5.28
N ARG A 176 -11.23 -19.62 5.84
CA ARG A 176 -9.84 -19.47 5.41
CA ARG A 176 -9.84 -19.48 5.41
C ARG A 176 -9.71 -19.72 3.92
N GLU A 177 -10.37 -20.76 3.40
CA GLU A 177 -10.22 -21.07 1.98
C GLU A 177 -10.80 -19.98 1.10
N ASN A 178 -11.94 -19.40 1.48
CA ASN A 178 -12.45 -18.31 0.66
C ASN A 178 -11.54 -17.09 0.73
N LEU A 179 -11.06 -16.74 1.93
CA LEU A 179 -10.12 -15.63 2.06
C LEU A 179 -8.90 -15.84 1.16
N GLU A 180 -8.30 -17.04 1.22
CA GLU A 180 -7.14 -17.31 0.37
C GLU A 180 -7.50 -17.22 -1.10
N SER A 181 -8.70 -17.69 -1.47
CA SER A 181 -9.10 -17.66 -2.88
CA SER A 181 -9.09 -17.66 -2.88
C SER A 181 -9.22 -16.23 -3.39
N ILE A 182 -9.74 -15.32 -2.56
CA ILE A 182 -9.87 -13.92 -2.97
C ILE A 182 -8.50 -13.30 -3.13
N ILE A 183 -7.61 -13.52 -2.15
CA ILE A 183 -6.24 -13.04 -2.24
C ILE A 183 -5.58 -13.54 -3.50
N THR A 184 -5.74 -14.83 -3.80
CA THR A 184 -5.15 -15.43 -4.98
C THR A 184 -5.72 -14.81 -6.26
N ASP A 185 -7.03 -14.66 -6.34
CA ASP A 185 -7.61 -14.08 -7.55
C ASP A 185 -7.13 -12.64 -7.72
N PHE A 186 -7.03 -11.91 -6.62
CA PHE A 186 -6.61 -10.52 -6.68
C PHE A 186 -5.17 -10.38 -7.16
N LEU A 187 -4.25 -11.11 -6.53
CA LEU A 187 -2.85 -10.98 -6.93
C LEU A 187 -2.58 -11.59 -8.30
N ASN A 188 -3.30 -12.64 -8.67
CA ASN A 188 -3.23 -13.11 -10.05
C ASN A 188 -3.67 -12.02 -11.04
N HIS A 189 -4.73 -11.28 -10.70
CA HIS A 189 -5.18 -10.19 -11.55
C HIS A 189 -4.07 -9.16 -11.75
N LEU A 190 -3.30 -8.87 -10.71
CA LEU A 190 -2.21 -7.92 -10.79
C LEU A 190 -0.92 -8.54 -11.32
N GLY A 191 -0.86 -9.86 -11.47
CA GLY A 191 0.32 -10.53 -11.97
C GLY A 191 1.46 -10.64 -10.98
N ILE A 192 1.16 -10.72 -9.68
CA ILE A 192 2.16 -10.71 -8.63
C ILE A 192 2.20 -12.08 -7.95
N ASP A 193 3.37 -12.73 -7.99
CA ASP A 193 3.56 -14.00 -7.30
C ASP A 193 3.62 -13.78 -5.80
N PHE A 194 3.21 -14.80 -5.03
CA PHE A 194 3.22 -14.66 -3.58
C PHE A 194 3.14 -16.03 -2.95
N LYS A 195 3.38 -16.05 -1.64
CA LYS A 195 3.14 -17.19 -0.77
C LYS A 195 2.41 -16.68 0.47
N ILE A 196 1.81 -17.60 1.22
CA ILE A 196 1.14 -17.27 2.47
C ILE A 196 1.90 -17.92 3.62
N VAL A 197 2.21 -17.12 4.64
CA VAL A 197 2.86 -17.62 5.84
C VAL A 197 2.04 -17.21 7.06
N GLY A 198 2.11 -18.01 8.12
CA GLY A 198 1.43 -17.65 9.34
C GLY A 198 2.27 -16.69 10.17
N ASP A 199 1.60 -15.68 10.74
CA ASP A 199 2.25 -14.79 11.68
C ASP A 199 1.22 -14.36 12.72
N SER A 200 1.65 -13.48 13.62
CA SER A 200 0.77 -12.93 14.62
C SER A 200 1.00 -11.42 14.68
N CYS A 201 -0.05 -10.70 15.05
CA CYS A 201 0.05 -9.31 15.43
C CYS A 201 -0.86 -9.10 16.64
N MET A 202 -0.74 -7.94 17.27
CA MET A 202 -1.42 -7.76 18.54
C MET A 202 -2.81 -7.17 18.42
N VAL A 203 -3.16 -6.60 17.29
CA VAL A 203 -4.53 -6.13 17.11
C VAL A 203 -5.45 -7.31 16.83
N PHE A 204 -5.03 -8.23 15.96
CA PHE A 204 -5.93 -9.25 15.45
C PHE A 204 -5.57 -10.66 15.90
N GLY A 205 -4.39 -10.88 16.47
CA GLY A 205 -3.96 -12.22 16.82
C GLY A 205 -3.22 -12.86 15.66
N ASP A 206 -3.58 -14.10 15.35
CA ASP A 206 -2.96 -14.80 14.23
C ASP A 206 -3.37 -14.16 12.91
N THR A 207 -2.39 -13.97 12.03
CA THR A 207 -2.66 -13.49 10.69
C THR A 207 -2.13 -14.48 9.67
N LEU A 208 -2.65 -14.38 8.47
CA LEU A 208 -2.04 -14.96 7.29
C LEU A 208 -1.31 -13.83 6.60
N ASP A 209 0.00 -13.92 6.54
CA ASP A 209 0.77 -12.88 5.88
C ASP A 209 1.02 -13.28 4.43
N VAL A 210 0.73 -12.36 3.51
CA VAL A 210 0.91 -12.55 2.08
C VAL A 210 2.27 -11.98 1.73
N MET A 211 3.20 -12.85 1.31
CA MET A 211 4.60 -12.47 1.13
C MET A 211 4.97 -12.53 -0.34
N HIS A 212 5.73 -11.54 -0.79
CA HIS A 212 6.42 -11.60 -2.09
C HIS A 212 7.90 -11.56 -1.73
N GLY A 213 8.55 -12.72 -1.77
CA GLY A 213 9.89 -12.79 -1.20
C GLY A 213 9.83 -12.46 0.28
N ASP A 214 10.74 -11.59 0.73
N ASP A 214 10.70 -11.59 0.76
CA ASP A 214 10.77 -11.10 2.10
CA ASP A 214 10.63 -11.20 2.16
C ASP A 214 9.95 -9.82 2.30
C ASP A 214 9.77 -9.96 2.39
N LEU A 215 9.10 -9.48 1.35
CA LEU A 215 8.25 -8.29 1.44
C LEU A 215 6.82 -8.69 1.77
N GLU A 216 6.30 -8.16 2.87
CA GLU A 216 4.92 -8.40 3.24
C GLU A 216 3.99 -7.51 2.42
N LEU A 217 3.15 -8.14 1.60
CA LEU A 217 2.17 -7.37 0.85
C LEU A 217 0.89 -7.16 1.63
N SER A 218 0.52 -8.12 2.49
CA SER A 218 -0.76 -8.03 3.16
C SER A 218 -0.71 -8.82 4.46
N SER A 219 -1.52 -8.37 5.42
CA SER A 219 -1.94 -9.20 6.55
C SER A 219 -3.42 -9.49 6.41
N ALA A 220 -3.81 -10.73 6.65
CA ALA A 220 -5.19 -11.16 6.50
C ALA A 220 -5.62 -11.90 7.75
N VAL A 221 -6.92 -11.87 8.04
CA VAL A 221 -7.45 -12.39 9.29
C VAL A 221 -8.73 -13.16 9.00
N VAL A 222 -8.87 -14.33 9.63
CA VAL A 222 -10.12 -15.06 9.66
C VAL A 222 -10.70 -14.88 11.06
N GLY A 223 -11.84 -14.18 11.15
CA GLY A 223 -12.53 -14.03 12.41
C GLY A 223 -13.37 -15.26 12.70
N PRO A 224 -14.16 -15.21 13.78
CA PRO A 224 -14.25 -14.13 14.76
C PRO A 224 -13.03 -14.04 15.66
N ILE A 225 -12.82 -12.87 16.26
CA ILE A 225 -11.77 -12.63 17.25
C ILE A 225 -12.43 -11.92 18.44
N PRO A 226 -11.83 -12.00 19.62
CA PRO A 226 -12.47 -11.38 20.79
C PRO A 226 -12.64 -9.86 20.70
N LEU A 227 -11.85 -9.17 19.86
CA LEU A 227 -12.05 -7.74 19.65
C LEU A 227 -13.42 -7.41 19.06
N ASP A 228 -14.09 -8.41 18.46
CA ASP A 228 -15.32 -8.16 17.73
C ASP A 228 -16.38 -7.50 18.61
N ARG A 229 -16.48 -7.93 19.87
CA ARG A 229 -17.53 -7.42 20.74
C ARG A 229 -17.42 -5.91 20.93
N GLU A 230 -16.18 -5.39 21.00
CA GLU A 230 -15.99 -3.95 21.16
C GLU A 230 -16.54 -3.16 19.99
N TRP A 231 -16.73 -3.80 18.85
CA TRP A 231 -17.19 -3.15 17.63
C TRP A 231 -18.58 -3.60 17.23
N GLY A 232 -19.25 -4.37 18.08
CA GLY A 232 -20.57 -4.85 17.75
C GLY A 232 -20.59 -5.84 16.60
N ILE A 233 -19.47 -6.50 16.34
CA ILE A 233 -19.39 -7.55 15.32
C ILE A 233 -19.69 -8.88 16.01
N ASP A 234 -20.65 -9.63 15.45
CA ASP A 234 -21.10 -10.85 16.11
C ASP A 234 -21.32 -11.99 15.12
N LYS A 235 -20.63 -11.95 14.00
CA LYS A 235 -20.74 -12.96 12.94
C LYS A 235 -19.34 -13.31 12.46
N PRO A 236 -19.19 -14.46 11.79
CA PRO A 236 -17.91 -14.77 11.15
C PRO A 236 -17.56 -13.67 10.16
N TRP A 237 -16.26 -13.44 9.99
CA TRP A 237 -15.80 -12.44 9.03
C TRP A 237 -14.40 -12.82 8.59
N ILE A 238 -14.01 -12.26 7.43
CA ILE A 238 -12.66 -12.39 6.90
C ILE A 238 -12.27 -11.04 6.34
N GLY A 239 -10.97 -10.77 6.31
CA GLY A 239 -10.51 -9.50 5.75
C GLY A 239 -9.03 -9.51 5.52
N ALA A 240 -8.58 -8.60 4.64
CA ALA A 240 -7.16 -8.47 4.35
C ALA A 240 -6.85 -7.02 4.03
N GLY A 241 -5.67 -6.56 4.46
CA GLY A 241 -5.20 -5.23 4.12
C GLY A 241 -3.90 -5.29 3.32
N PHE A 242 -3.84 -4.53 2.22
CA PHE A 242 -2.69 -4.49 1.32
C PHE A 242 -2.20 -3.06 1.20
N GLY A 243 -0.88 -2.89 1.16
CA GLY A 243 -0.31 -1.57 0.86
C GLY A 243 -0.13 -1.35 -0.63
N LEU A 244 -0.75 -0.32 -1.20
CA LEU A 244 -0.65 -0.10 -2.64
C LEU A 244 0.78 0.25 -3.07
N GLU A 245 1.49 1.05 -2.27
CA GLU A 245 2.87 1.40 -2.64
C GLU A 245 3.75 0.16 -2.66
N ARG A 246 3.49 -0.81 -1.78
CA ARG A 246 4.25 -2.06 -1.87
C ARG A 246 3.91 -2.83 -3.13
N LEU A 247 2.64 -2.84 -3.53
CA LEU A 247 2.27 -3.48 -4.78
C LEU A 247 2.99 -2.82 -5.96
N LEU A 248 3.05 -1.48 -5.97
CA LEU A 248 3.74 -0.77 -7.03
C LEU A 248 5.25 -1.04 -6.99
N LYS A 249 5.84 -1.13 -5.80
CA LYS A 249 7.26 -1.43 -5.69
C LYS A 249 7.58 -2.76 -6.36
N VAL A 250 6.74 -3.77 -6.14
CA VAL A 250 6.94 -5.07 -6.79
C VAL A 250 6.74 -4.95 -8.29
N LYS A 251 5.62 -4.35 -8.71
CA LYS A 251 5.28 -4.27 -10.13
C LYS A 251 6.36 -3.58 -10.95
N HIS A 252 6.93 -2.50 -10.43
CA HIS A 252 7.90 -1.70 -11.16
C HIS A 252 9.33 -1.93 -10.73
N ASP A 253 9.56 -2.86 -9.78
CA ASP A 253 10.91 -3.23 -9.35
C ASP A 253 11.65 -2.04 -8.76
N PHE A 254 10.94 -1.17 -8.05
CA PHE A 254 11.61 -0.04 -7.40
C PHE A 254 12.51 -0.53 -6.27
N LYS A 255 13.67 0.11 -6.13
CA LYS A 255 14.59 -0.21 -5.04
C LYS A 255 14.05 0.27 -3.71
N ASN A 256 13.43 1.43 -3.69
CA ASN A 256 12.94 2.04 -2.46
C ASN A 256 11.47 2.41 -2.63
N ILE A 257 10.69 2.16 -1.58
CA ILE A 257 9.26 2.38 -1.64
C ILE A 257 8.89 3.85 -1.85
N LYS A 258 9.82 4.77 -1.54
CA LYS A 258 9.52 6.18 -1.75
C LYS A 258 9.23 6.51 -3.20
N ARG A 259 9.74 5.70 -4.14
CA ARG A 259 9.45 5.92 -5.56
C ARG A 259 7.97 5.85 -5.85
N ALA A 260 7.25 5.11 -5.02
CA ALA A 260 5.83 4.85 -5.25
C ALA A 260 4.91 5.77 -4.46
N ALA A 261 5.46 6.57 -3.55
CA ALA A 261 4.64 7.29 -2.59
C ALA A 261 4.07 8.57 -3.17
N ARG A 262 3.01 9.07 -2.54
CA ARG A 262 2.60 10.47 -2.72
C ARG A 262 3.77 11.34 -2.43
N SER A 263 4.06 12.26 -3.34
CA SER A 263 5.33 12.94 -3.21
C SER A 263 5.38 14.03 -4.26
N GLY A 264 6.18 15.04 -3.97
CA GLY A 264 6.57 16.00 -4.97
C GLY A 264 7.90 15.69 -5.59
N SER A 265 8.58 14.62 -5.14
CA SER A 265 9.93 14.30 -5.59
CA SER A 265 9.92 14.31 -5.60
C SER A 265 9.98 13.22 -6.67
N TYR A 266 8.91 12.45 -6.86
CA TYR A 266 8.84 11.47 -7.94
C TYR A 266 7.46 11.49 -8.52
N TYR A 267 7.38 11.39 -9.85
CA TYR A 267 6.13 11.22 -10.56
C TYR A 267 6.20 9.86 -11.26
N ASN A 268 5.35 8.92 -10.85
CA ASN A 268 5.37 7.58 -11.44
C ASN A 268 6.79 6.99 -11.43
N GLY A 269 7.51 7.21 -10.33
CA GLY A 269 8.85 6.68 -10.16
C GLY A 269 9.97 7.46 -10.83
N ILE A 270 9.65 8.58 -11.49
CA ILE A 270 10.63 9.40 -12.20
C ILE A 270 10.91 10.63 -11.35
N SER A 271 12.19 10.91 -11.11
CA SER A 271 12.53 12.10 -10.35
C SER A 271 11.93 13.35 -10.98
N THR A 272 11.36 14.22 -10.14
CA THR A 272 10.87 15.51 -10.57
C THR A 272 11.91 16.60 -10.44
N ASN A 273 13.15 16.26 -10.11
CA ASN A 273 14.23 17.21 -9.97
C ASN A 273 15.12 17.08 -11.21
N LEU A 274 14.71 17.74 -12.29
CA LEU A 274 15.34 17.58 -13.59
C LEU A 274 15.84 18.90 -14.17
#